data_1YL8
#
_entry.id   1YL8
#
_cell.length_a   1.000
_cell.length_b   1.000
_cell.length_c   1.000
_cell.angle_alpha   90.00
_cell.angle_beta   90.00
_cell.angle_gamma   90.00
#
_symmetry.space_group_name_H-M   'P 1'
#
_entity_poly.entity_id   1
_entity_poly.type   'polypeptide(L)'
_entity_poly.pdbx_seq_one_letter_code
;(DPN)CY(DTR)KTCT
;
_entity_poly.pdbx_strand_id   A
#
# COMPACT_ATOMS: atom_id res chain seq x y z
N DPN A 1 -5.73 3.15 -4.09
CA DPN A 1 -4.32 3.48 -3.83
C DPN A 1 -3.80 2.54 -2.74
O DPN A 1 -4.63 1.94 -2.06
CB DPN A 1 -3.49 3.49 -5.12
CG DPN A 1 -3.45 2.19 -5.91
CD1 DPN A 1 -4.25 2.04 -7.06
CD2 DPN A 1 -2.57 1.16 -5.54
CE1 DPN A 1 -4.19 0.86 -7.81
CE2 DPN A 1 -2.51 -0.02 -6.30
CZ DPN A 1 -3.31 -0.18 -7.44
H2 DPN A 1 -6.13 3.78 -4.76
H DPN A 1 -6.23 3.21 -3.21
H3 DPN A 1 -5.78 2.20 -4.42
HA DPN A 1 -4.28 4.49 -3.41
HB2 DPN A 1 -3.89 4.27 -5.76
HB3 DPN A 1 -2.47 3.79 -4.89
HD1 DPN A 1 -4.92 2.83 -7.38
HD2 DPN A 1 -1.90 1.26 -4.70
HE1 DPN A 1 -4.79 0.75 -8.71
HE2 DPN A 1 -1.82 -0.81 -6.01
HZ DPN A 1 -3.24 -1.07 -8.03
N CYS A 2 -2.49 2.44 -2.55
CA CYS A 2 -1.88 1.65 -1.48
C CYS A 2 -0.67 2.45 -1.01
N TYR A 3 -0.92 3.43 -0.15
CA TYR A 3 0.11 4.37 0.28
C TYR A 3 0.85 3.78 1.47
N DTR A 4 1.68 2.78 1.19
CA DTR A 4 2.46 2.05 2.17
CB DTR A 4 3.92 2.50 2.11
CG DTR A 4 4.92 1.59 2.75
CD1 DTR A 4 5.71 0.71 2.09
NE1 DTR A 4 6.52 0.05 2.98
CE2 DTR A 4 6.25 0.41 4.27
CZ2 DTR A 4 6.76 0.01 5.52
CH2 DTR A 4 6.22 0.56 6.70
CZ3 DTR A 4 5.15 1.47 6.61
CE3 DTR A 4 4.65 1.86 5.36
CD2 DTR A 4 5.20 1.37 4.16
C DTR A 4 2.29 0.56 1.87
O DTR A 4 1.71 0.21 0.84
H2 DTR A 4 1.72 2.42 0.24
HA DTR A 4 2.06 2.25 3.17
HB2 DTR A 4 4.20 2.60 1.06
HB3 DTR A 4 4.00 3.48 2.56
HD1 DTR A 4 5.68 0.55 1.02
HE1 DTR A 4 7.21 -0.63 2.69
HZ2 DTR A 4 7.57 -0.70 5.57
HH2 DTR A 4 6.62 0.27 7.66
HZ3 DTR A 4 4.73 1.89 7.51
HE3 DTR A 4 3.82 2.56 5.29
N LYS A 5 2.71 -0.30 2.78
CA LYS A 5 2.83 -1.73 2.51
C LYS A 5 1.47 -2.44 2.40
N THR A 6 0.39 -1.68 2.51
CA THR A 6 -0.98 -2.11 2.61
C THR A 6 -1.39 -3.06 1.48
N CYS A 7 -0.78 -2.95 0.29
CA CYS A 7 -0.87 -4.01 -0.70
C CYS A 7 0.43 -4.10 -1.48
N THR A 8 1.53 -3.70 -0.84
CA THR A 8 2.81 -3.51 -1.51
C THR A 8 3.91 -4.17 -0.68
N DPN A 1 -5.73 3.04 -4.02
CA DPN A 1 -4.26 3.06 -4.11
C DPN A 1 -3.71 2.43 -2.83
O DPN A 1 -4.52 2.01 -2.01
CB DPN A 1 -3.78 2.34 -5.37
CG DPN A 1 -4.38 0.97 -5.62
CD1 DPN A 1 -5.62 0.85 -6.27
CD2 DPN A 1 -3.71 -0.19 -5.18
CE1 DPN A 1 -6.20 -0.42 -6.46
CE2 DPN A 1 -4.28 -1.45 -5.38
CZ DPN A 1 -5.53 -1.57 -6.01
H2 DPN A 1 -6.14 3.50 -4.82
H DPN A 1 -6.01 3.49 -3.16
H3 DPN A 1 -6.04 2.08 -3.98
HA DPN A 1 -3.92 4.09 -4.14
HB2 DPN A 1 -4.02 2.98 -6.24
HB3 DPN A 1 -2.69 2.26 -5.35
HD1 DPN A 1 -6.13 1.72 -6.66
HD2 DPN A 1 -2.74 -0.11 -4.70
HE1 DPN A 1 -7.15 -0.51 -6.97
HE2 DPN A 1 -3.76 -2.34 -5.06
HZ DPN A 1 -5.97 -2.54 -6.17
N CYS A 2 -2.40 2.41 -2.61
CA CYS A 2 -1.81 1.78 -1.44
C CYS A 2 -0.64 2.62 -0.97
N TYR A 3 -0.89 3.53 -0.02
CA TYR A 3 0.10 4.46 0.48
C TYR A 3 0.86 3.83 1.64
N DTR A 4 1.66 2.82 1.31
CA DTR A 4 2.46 2.05 2.24
CB DTR A 4 3.90 2.60 2.23
CG DTR A 4 4.95 1.74 2.84
CD1 DTR A 4 5.93 1.11 2.14
NE1 DTR A 4 6.72 0.38 3.00
CE2 DTR A 4 6.29 0.48 4.31
CZ2 DTR A 4 6.72 -0.08 5.51
CH2 DTR A 4 6.02 0.21 6.70
CZ3 DTR A 4 4.89 1.04 6.65
CE3 DTR A 4 4.45 1.59 5.43
CD2 DTR A 4 5.15 1.34 4.23
C DTR A 4 2.35 0.59 1.82
O DTR A 4 1.74 0.29 0.80
H2 DTR A 4 1.63 2.46 0.36
HA DTR A 4 2.05 2.16 3.25
HB2 DTR A 4 4.18 2.79 1.20
HB3 DTR A 4 3.90 3.56 2.75
HD1 DTR A 4 6.04 1.19 1.07
HE1 DTR A 4 7.51 -0.16 2.68
HZ2 DTR A 4 7.59 -0.72 5.53
HH2 DTR A 4 6.38 -0.18 7.64
HZ3 DTR A 4 4.37 1.28 7.57
HE3 DTR A 4 3.57 2.21 5.38
N LYS A 5 2.81 -0.34 2.65
CA LYS A 5 2.83 -1.78 2.35
C LYS A 5 1.45 -2.43 2.38
N THR A 6 0.39 -1.64 2.51
CA THR A 6 -0.98 -2.10 2.63
C THR A 6 -1.35 -3.12 1.56
N CYS A 7 -0.85 -2.94 0.33
CA CYS A 7 -0.94 -4.00 -0.67
C CYS A 7 0.33 -4.04 -1.51
N THR A 8 1.44 -3.66 -0.89
CA THR A 8 2.72 -3.50 -1.57
C THR A 8 3.84 -4.15 -0.74
N DPN A 1 -5.65 2.66 -4.23
CA DPN A 1 -4.23 3.07 -4.10
C DPN A 1 -3.72 2.49 -2.80
O DPN A 1 -4.54 2.08 -1.99
CB DPN A 1 -3.41 2.68 -5.34
CG DPN A 1 -3.09 1.21 -5.49
CD1 DPN A 1 -4.08 0.28 -5.88
CD2 DPN A 1 -1.77 0.75 -5.28
CE1 DPN A 1 -3.76 -1.08 -6.02
CE2 DPN A 1 -1.45 -0.60 -5.43
CZ DPN A 1 -2.45 -1.52 -5.81
H2 DPN A 1 -6.07 3.07 -5.05
H DPN A 1 -6.14 2.95 -3.40
H3 DPN A 1 -5.69 1.65 -4.28
HA DPN A 1 -4.21 4.16 -4.01
HB2 DPN A 1 -3.96 3.01 -6.23
HB3 DPN A 1 -2.48 3.24 -5.32
HD1 DPN A 1 -5.09 0.60 -6.09
HD2 DPN A 1 -0.98 1.45 -5.01
HE1 DPN A 1 -4.53 -1.79 -6.31
HE2 DPN A 1 -0.45 -0.95 -5.26
HZ DPN A 1 -2.21 -2.57 -5.91
N CYS A 2 -2.40 2.46 -2.56
CA CYS A 2 -1.84 1.81 -1.39
C CYS A 2 -0.65 2.63 -0.93
N TYR A 3 -0.90 3.57 -0.01
CA TYR A 3 0.14 4.45 0.53
C TYR A 3 0.84 3.72 1.67
N DTR A 4 1.70 2.77 1.31
CA DTR A 4 2.51 1.99 2.22
CB DTR A 4 3.94 2.53 2.16
CG DTR A 4 5.01 1.67 2.77
CD1 DTR A 4 5.99 1.05 2.07
NE1 DTR A 4 6.78 0.31 2.93
CE2 DTR A 4 6.34 0.41 4.24
CZ2 DTR A 4 6.77 -0.15 5.44
CH2 DTR A 4 6.08 0.15 6.63
CZ3 DTR A 4 4.95 0.98 6.58
CE3 DTR A 4 4.51 1.52 5.35
CD2 DTR A 4 5.21 1.27 4.16
C DTR A 4 2.38 0.53 1.78
O DTR A 4 1.73 0.24 0.79
H2 DTR A 4 1.71 2.47 0.34
HA DTR A 4 2.13 2.09 3.23
HB2 DTR A 4 4.21 2.71 1.12
HB3 DTR A 4 3.97 3.50 2.68
HD1 DTR A 4 6.11 1.12 1.00
HE1 DTR A 4 7.57 -0.23 2.61
HZ2 DTR A 4 7.64 -0.80 5.46
HH2 DTR A 4 6.43 -0.26 7.57
HZ3 DTR A 4 4.42 1.22 7.49
HE3 DTR A 4 3.64 2.14 5.31
N LYS A 5 2.87 -0.41 2.60
CA LYS A 5 2.84 -1.84 2.32
C LYS A 5 1.44 -2.46 2.40
N THR A 6 0.40 -1.64 2.50
CA THR A 6 -0.97 -2.07 2.68
C THR A 6 -1.42 -3.01 1.57
N CYS A 7 -0.86 -2.89 0.37
CA CYS A 7 -0.96 -3.95 -0.62
C CYS A 7 0.28 -3.96 -1.51
N THR A 8 1.40 -3.59 -0.91
CA THR A 8 2.67 -3.43 -1.61
C THR A 8 3.80 -3.98 -0.76
N DPN A 1 -5.59 2.50 -4.32
CA DPN A 1 -4.29 3.16 -4.03
C DPN A 1 -3.76 2.55 -2.75
O DPN A 1 -4.56 2.05 -1.97
CB DPN A 1 -3.33 3.10 -5.23
CG DPN A 1 -2.49 1.84 -5.40
CD1 DPN A 1 -3.08 0.58 -5.56
CD2 DPN A 1 -1.08 1.96 -5.40
CE1 DPN A 1 -2.27 -0.56 -5.69
CE2 DPN A 1 -0.27 0.82 -5.53
CZ DPN A 1 -0.87 -0.44 -5.66
H2 DPN A 1 -6.03 2.94 -5.12
H DPN A 1 -6.18 2.59 -3.51
H3 DPN A 1 -5.44 1.52 -4.48
HA DPN A 1 -4.51 4.21 -3.82
HB2 DPN A 1 -3.90 3.26 -6.15
HB3 DPN A 1 -2.66 3.95 -5.14
HD1 DPN A 1 -4.15 0.45 -5.60
HD2 DPN A 1 -0.60 2.93 -5.31
HE1 DPN A 1 -2.72 -1.54 -5.80
HE2 DPN A 1 0.80 0.91 -5.52
HZ DPN A 1 -0.25 -1.33 -5.76
N CYS A 2 -2.44 2.55 -2.51
CA CYS A 2 -1.85 1.81 -1.41
C CYS A 2 -0.65 2.60 -0.91
N TYR A 3 -0.89 3.51 0.04
CA TYR A 3 0.12 4.44 0.53
C TYR A 3 0.90 3.77 1.65
N DTR A 4 1.70 2.76 1.30
CA DTR A 4 2.54 2.02 2.21
CB DTR A 4 3.96 2.60 2.17
CG DTR A 4 5.03 1.74 2.76
CD1 DTR A 4 5.99 1.11 2.05
NE1 DTR A 4 6.78 0.37 2.89
CE2 DTR A 4 6.36 0.46 4.20
CZ2 DTR A 4 6.81 -0.11 5.41
CH2 DTR A 4 6.13 0.19 6.60
CZ3 DTR A 4 5.01 1.03 6.57
CE3 DTR A 4 4.56 1.58 5.35
CD2 DTR A 4 5.23 1.33 4.14
C DTR A 4 2.47 0.56 1.79
O DTR A 4 2.00 0.26 0.70
H2 DTR A 4 1.67 2.43 0.34
HA DTR A 4 2.15 2.12 3.23
HB2 DTR A 4 4.22 2.81 1.14
HB3 DTR A 4 3.95 3.55 2.71
HD1 DTR A 4 6.09 1.19 0.97
HE1 DTR A 4 7.57 -0.19 2.55
HZ2 DTR A 4 7.67 -0.76 5.40
HH2 DTR A 4 6.49 -0.21 7.54
HZ3 DTR A 4 4.50 1.28 7.49
HE3 DTR A 4 3.68 2.21 5.33
N LYS A 5 2.86 -0.36 2.66
CA LYS A 5 2.83 -1.81 2.38
C LYS A 5 1.44 -2.43 2.44
N THR A 6 0.40 -1.61 2.41
CA THR A 6 -0.97 -2.04 2.61
C THR A 6 -1.41 -3.06 1.55
N CYS A 7 -0.87 -2.93 0.33
CA CYS A 7 -0.99 -3.97 -0.69
C CYS A 7 0.28 -4.02 -1.52
N THR A 8 1.40 -3.60 -0.91
CA THR A 8 2.67 -3.42 -1.59
C THR A 8 3.77 -4.05 -0.74
N DPN A 1 -5.54 2.72 -4.37
CA DPN A 1 -4.32 3.40 -3.88
C DPN A 1 -3.78 2.56 -2.73
O DPN A 1 -4.60 1.97 -2.03
CB DPN A 1 -3.32 3.68 -5.02
CG DPN A 1 -2.43 2.53 -5.47
CD1 DPN A 1 -1.04 2.61 -5.27
CD2 DPN A 1 -2.98 1.38 -6.06
CE1 DPN A 1 -0.22 1.53 -5.61
CE2 DPN A 1 -2.15 0.29 -6.41
CZ DPN A 1 -0.76 0.37 -6.17
H2 DPN A 1 -5.99 3.29 -5.08
H DPN A 1 -6.16 2.59 -3.59
H3 DPN A 1 -5.30 1.82 -4.73
HA DPN A 1 -4.62 4.36 -3.47
HB2 DPN A 1 -3.87 4.05 -5.88
HB3 DPN A 1 -2.68 4.49 -4.68
HD1 DPN A 1 -0.59 3.49 -4.85
HD2 DPN A 1 -4.04 1.30 -6.27
HE1 DPN A 1 0.86 1.59 -5.46
HE2 DPN A 1 -2.57 -0.59 -6.85
HZ DPN A 1 -0.13 -0.46 -6.44
N CYS A 2 -2.47 2.52 -2.48
CA CYS A 2 -1.87 1.72 -1.44
C CYS A 2 -0.67 2.50 -0.93
N TYR A 3 -0.93 3.49 -0.08
CA TYR A 3 0.09 4.40 0.41
C TYR A 3 0.83 3.73 1.56
N DTR A 4 1.73 2.80 1.23
CA DTR A 4 2.51 2.03 2.20
CB DTR A 4 3.96 2.49 2.20
CG DTR A 4 4.98 1.52 2.73
CD1 DTR A 4 5.69 0.65 1.97
NE1 DTR A 4 6.53 -0.09 2.76
CE2 DTR A 4 6.34 0.19 4.09
CZ2 DTR A 4 6.89 -0.34 5.27
CH2 DTR A 4 6.43 0.13 6.51
CZ3 DTR A 4 5.39 1.09 6.56
CE3 DTR A 4 4.84 1.59 5.36
CD2 DTR A 4 5.33 1.19 4.10
C DTR A 4 2.36 0.55 1.84
O DTR A 4 1.83 0.23 0.78
H2 DTR A 4 1.79 2.52 0.26
HA DTR A 4 2.09 2.16 3.20
HB2 DTR A 4 4.24 2.74 1.17
HB3 DTR A 4 4.03 3.41 2.79
HD1 DTR A 4 5.60 0.55 0.89
HE1 DTR A 4 7.16 -0.79 2.39
HZ2 DTR A 4 7.66 -1.09 5.23
HH2 DTR A 4 6.86 -0.25 7.43
HZ3 DTR A 4 5.03 1.45 7.51
HE3 DTR A 4 4.03 2.31 5.38
N LYS A 5 2.78 -0.35 2.72
CA LYS A 5 2.85 -1.78 2.43
C LYS A 5 1.47 -2.44 2.38
N THR A 6 0.42 -1.65 2.54
CA THR A 6 -0.97 -2.07 2.66
C THR A 6 -1.36 -3.08 1.56
N CYS A 7 -0.83 -2.92 0.34
CA CYS A 7 -0.95 -3.96 -0.67
C CYS A 7 0.34 -4.08 -1.48
N THR A 8 1.45 -3.66 -0.89
CA THR A 8 2.70 -3.46 -1.60
C THR A 8 3.85 -4.10 -0.82
N DPN A 1 -5.47 4.04 -3.30
CA DPN A 1 -4.40 3.24 -3.94
C DPN A 1 -3.78 2.39 -2.84
O DPN A 1 -4.54 1.91 -2.00
CB DPN A 1 -5.00 2.37 -5.06
CG DPN A 1 -4.15 2.34 -6.32
CD1 DPN A 1 -3.25 1.30 -6.55
CD2 DPN A 1 -4.31 3.36 -7.29
CE1 DPN A 1 -2.50 1.27 -7.74
CE2 DPN A 1 -3.56 3.32 -8.48
CZ DPN A 1 -2.66 2.28 -8.70
H2 DPN A 1 -5.94 4.61 -3.99
H DPN A 1 -5.06 4.62 -2.58
H3 DPN A 1 -6.12 3.39 -2.87
HA DPN A 1 -3.65 3.91 -4.36
HB2 DPN A 1 -5.16 1.36 -4.71
HB3 DPN A 1 -5.98 2.77 -5.34
HD1 DPN A 1 -3.13 0.51 -5.82
HD2 DPN A 1 -5.02 4.17 -7.14
HE1 DPN A 1 -1.81 0.45 -7.92
HE2 DPN A 1 -3.69 4.10 -9.22
HZ DPN A 1 -2.08 2.24 -9.62
N CYS A 2 -2.45 2.27 -2.74
CA CYS A 2 -1.81 1.58 -1.64
C CYS A 2 -0.66 2.45 -1.15
N TYR A 3 -0.97 3.41 -0.26
CA TYR A 3 -0.01 4.39 0.21
C TYR A 3 0.72 3.82 1.42
N DTR A 4 1.56 2.82 1.18
CA DTR A 4 2.31 2.10 2.20
CB DTR A 4 3.77 2.61 2.25
CG DTR A 4 4.80 1.68 2.82
CD1 DTR A 4 5.58 0.84 2.09
NE1 DTR A 4 6.42 0.14 2.91
CE2 DTR A 4 6.17 0.41 4.24
CZ2 DTR A 4 6.69 -0.09 5.45
CH2 DTR A 4 6.18 0.36 6.66
CZ3 DTR A 4 5.11 1.28 6.67
CE3 DTR A 4 4.58 1.76 5.45
CD2 DTR A 4 5.12 1.37 4.22
C DTR A 4 2.24 0.62 1.85
O DTR A 4 1.71 0.26 0.80
H2 DTR A 4 1.59 2.45 0.23
HA DTR A 4 1.85 2.23 3.17
HB2 DTR A 4 4.08 2.87 1.24
HB3 DTR A 4 3.77 3.53 2.84
HD1 DTR A 4 5.54 0.74 1.01
HE1 DTR A 4 7.10 -0.53 2.57
HZ2 DTR A 4 7.50 -0.81 5.42
HH2 DTR A 4 6.60 0.01 7.59
HZ3 DTR A 4 4.71 1.63 7.60
HE3 DTR A 4 3.75 2.44 5.44
N LYS A 5 2.67 -0.27 2.75
CA LYS A 5 2.80 -1.69 2.47
C LYS A 5 1.45 -2.40 2.39
N THR A 6 0.36 -1.65 2.53
CA THR A 6 -1.01 -2.13 2.58
C THR A 6 -1.31 -3.18 1.51
N CYS A 7 -0.76 -3.03 0.30
CA CYS A 7 -0.81 -4.10 -0.69
C CYS A 7 0.51 -4.19 -1.45
N THR A 8 1.59 -3.76 -0.81
CA THR A 8 2.88 -3.59 -1.46
C THR A 8 3.99 -4.21 -0.60
N DPN A 1 -5.80 3.43 -3.70
CA DPN A 1 -4.35 3.30 -3.94
C DPN A 1 -3.77 2.48 -2.80
O DPN A 1 -4.55 1.94 -2.03
CB DPN A 1 -4.08 2.67 -5.32
CG DPN A 1 -3.08 3.47 -6.14
CD1 DPN A 1 -3.54 4.45 -7.05
CD2 DPN A 1 -1.70 3.24 -5.99
CE1 DPN A 1 -2.61 5.19 -7.79
CE2 DPN A 1 -0.78 4.00 -6.74
CZ DPN A 1 -1.24 4.98 -7.63
H2 DPN A 1 -6.23 4.01 -4.40
H DPN A 1 -5.94 3.82 -2.78
H3 DPN A 1 -6.22 2.51 -3.71
HA DPN A 1 -3.91 4.29 -3.92
HB2 DPN A 1 -3.72 1.65 -5.21
HB3 DPN A 1 -5.01 2.62 -5.89
HD1 DPN A 1 -4.59 4.62 -7.19
HD2 DPN A 1 -1.34 2.47 -5.32
HE1 DPN A 1 -2.96 5.94 -8.50
HE2 DPN A 1 0.27 3.83 -6.62
HZ DPN A 1 -0.52 5.55 -8.21
N CYS A 2 -2.44 2.41 -2.65
CA CYS A 2 -1.82 1.67 -1.56
C CYS A 2 -0.63 2.49 -1.07
N TYR A 3 -0.90 3.46 -0.20
CA TYR A 3 0.11 4.39 0.26
C TYR A 3 0.82 3.80 1.47
N DTR A 4 1.66 2.80 1.22
CA DTR A 4 2.40 2.05 2.23
CB DTR A 4 3.86 2.53 2.27
CG DTR A 4 4.87 1.58 2.85
CD1 DTR A 4 5.64 0.73 2.13
NE1 DTR A 4 6.46 0.01 2.96
CE2 DTR A 4 6.19 0.29 4.29
CZ2 DTR A 4 6.70 -0.23 5.50
CH2 DTR A 4 6.16 0.23 6.72
CZ3 DTR A 4 5.11 1.18 6.70
CE3 DTR A 4 4.61 1.66 5.48
CD2 DTR A 4 5.16 1.26 4.25
C DTR A 4 2.28 0.57 1.87
O DTR A 4 1.74 0.23 0.83
H2 DTR A 4 1.68 2.43 0.26
HA DTR A 4 1.94 2.19 3.21
HB2 DTR A 4 4.18 2.76 1.25
HB3 DTR A 4 3.89 3.46 2.84
HD1 DTR A 4 5.62 0.64 1.05
HE1 DTR A 4 7.13 -0.66 2.62
HZ2 DTR A 4 7.49 -0.96 5.49
HH2 DTR A 4 6.57 -0.13 7.64
HZ3 DTR A 4 4.70 1.53 7.64
HE3 DTR A 4 3.78 2.35 5.46
N LYS A 5 2.70 -0.32 2.77
CA LYS A 5 2.80 -1.75 2.47
C LYS A 5 1.44 -2.44 2.39
N THR A 6 0.36 -1.67 2.53
CA THR A 6 -1.01 -2.11 2.60
C THR A 6 -1.34 -3.14 1.50
N CYS A 7 -0.79 -2.98 0.28
CA CYS A 7 -0.85 -4.03 -0.71
C CYS A 7 0.46 -4.11 -1.49
N THR A 8 1.55 -3.71 -0.84
CA THR A 8 2.85 -3.54 -1.47
C THR A 8 3.94 -4.16 -0.61
N DPN A 1 -5.65 2.92 -4.35
CA DPN A 1 -4.34 3.43 -3.91
C DPN A 1 -3.81 2.50 -2.81
O DPN A 1 -4.63 1.82 -2.21
CB DPN A 1 -3.40 3.67 -5.10
CG DPN A 1 -3.47 2.62 -6.18
CD1 DPN A 1 -3.95 2.97 -7.46
CD2 DPN A 1 -3.07 1.29 -5.93
CE1 DPN A 1 -4.05 2.00 -8.47
CE2 DPN A 1 -3.18 0.32 -6.94
CZ DPN A 1 -3.67 0.68 -8.21
H2 DPN A 1 -6.09 3.57 -4.97
H DPN A 1 -6.22 2.75 -3.55
H3 DPN A 1 -5.50 2.03 -4.84
HA DPN A 1 -4.51 4.40 -3.43
HB2 DPN A 1 -3.68 4.63 -5.54
HB3 DPN A 1 -2.36 3.79 -4.77
HD1 DPN A 1 -4.26 3.98 -7.69
HD2 DPN A 1 -2.68 1.00 -4.97
HE1 DPN A 1 -4.42 2.27 -9.46
HE2 DPN A 1 -2.87 -0.70 -6.75
HZ DPN A 1 -3.74 -0.07 -9.00
N CYS A 2 -2.50 2.49 -2.52
CA CYS A 2 -1.92 1.72 -1.41
C CYS A 2 -0.71 2.52 -0.94
N TYR A 3 -0.92 3.49 -0.05
CA TYR A 3 0.14 4.38 0.40
C TYR A 3 0.90 3.71 1.54
N DTR A 4 1.77 2.76 1.20
CA DTR A 4 2.54 1.97 2.15
CB DTR A 4 4.02 2.40 2.08
CG DTR A 4 5.03 1.42 2.60
CD1 DTR A 4 5.74 0.56 1.84
NE1 DTR A 4 6.58 -0.20 2.62
CE2 DTR A 4 6.41 0.08 3.97
CZ2 DTR A 4 6.97 -0.44 5.14
CH2 DTR A 4 6.53 0.04 6.38
CZ3 DTR A 4 5.50 1.01 6.43
CE3 DTR A 4 4.93 1.51 5.24
CD2 DTR A 4 5.40 1.09 3.98
C DTR A 4 2.33 0.51 1.80
O DTR A 4 1.70 0.19 0.80
H2 DTR A 4 1.79 2.45 0.23
HA DTR A 4 2.17 2.14 3.16
HB2 DTR A 4 4.27 2.61 1.05
HB3 DTR A 4 4.13 3.34 2.65
HD1 DTR A 4 5.63 0.46 0.76
HE1 DTR A 4 7.21 -0.89 2.24
HZ2 DTR A 4 7.74 -1.19 5.09
HH2 DTR A 4 6.98 -0.32 7.29
HZ3 DTR A 4 5.16 1.38 7.39
HE3 DTR A 4 4.13 2.23 5.27
N LYS A 5 2.79 -0.41 2.66
CA LYS A 5 2.83 -1.83 2.35
C LYS A 5 1.44 -2.48 2.37
N THR A 6 0.40 -1.68 2.55
CA THR A 6 -0.98 -2.10 2.67
C THR A 6 -1.37 -3.10 1.57
N CYS A 7 -0.84 -2.92 0.35
CA CYS A 7 -0.91 -3.99 -0.65
C CYS A 7 0.37 -4.02 -1.46
N THR A 8 1.48 -3.62 -0.85
CA THR A 8 2.75 -3.42 -1.52
C THR A 8 3.89 -3.90 -0.62
N DPN A 1 -5.51 2.73 -4.49
CA DPN A 1 -4.34 3.42 -3.90
C DPN A 1 -3.83 2.53 -2.77
O DPN A 1 -4.65 1.88 -2.14
CB DPN A 1 -3.30 3.79 -4.97
CG DPN A 1 -2.67 2.64 -5.73
CD1 DPN A 1 -3.37 2.00 -6.77
CD2 DPN A 1 -1.35 2.23 -5.44
CE1 DPN A 1 -2.78 0.93 -7.48
CE2 DPN A 1 -0.76 1.16 -6.14
CZ DPN A 1 -1.49 0.51 -7.16
H2 DPN A 1 -5.96 3.33 -5.16
H DPN A 1 -6.15 2.49 -3.75
H3 DPN A 1 -5.20 1.87 -4.93
HA DPN A 1 -4.69 4.34 -3.45
HB2 DPN A 1 -3.79 4.45 -5.70
HB3 DPN A 1 -2.52 4.39 -4.50
HD1 DPN A 1 -4.36 2.33 -7.07
HD2 DPN A 1 -0.76 2.73 -4.68
HE1 DPN A 1 -3.33 0.44 -8.27
HE2 DPN A 1 0.25 0.86 -5.90
HZ DPN A 1 -1.03 -0.30 -7.69
N CYS A 2 -2.52 2.52 -2.47
CA CYS A 2 -1.94 1.74 -1.39
C CYS A 2 -0.71 2.52 -0.92
N TYR A 3 -0.92 3.46 0.00
CA TYR A 3 0.11 4.40 0.41
C TYR A 3 0.91 3.81 1.57
N DTR A 4 1.73 2.80 1.25
CA DTR A 4 2.50 2.02 2.22
CB DTR A 4 3.95 2.48 2.22
CG DTR A 4 4.98 1.52 2.74
CD1 DTR A 4 5.70 0.66 1.98
NE1 DTR A 4 6.54 -0.09 2.77
CE2 DTR A 4 6.35 0.19 4.10
CZ2 DTR A 4 6.91 -0.32 5.29
CH2 DTR A 4 6.44 0.14 6.53
CZ3 DTR A 4 5.40 1.08 6.57
CE3 DTR A 4 4.84 1.57 5.37
CD2 DTR A 4 5.33 1.18 4.11
C DTR A 4 2.37 0.55 1.83
O DTR A 4 1.83 0.23 0.77
H2 DTR A 4 1.70 2.45 0.31
HA DTR A 4 2.08 2.15 3.22
HB2 DTR A 4 4.23 2.74 1.19
HB3 DTR A 4 4.02 3.41 2.80
HD1 DTR A 4 5.62 0.56 0.91
HE1 DTR A 4 7.18 -0.78 2.39
HZ2 DTR A 4 7.69 -1.07 5.24
HH2 DTR A 4 6.89 -0.22 7.44
HZ3 DTR A 4 5.03 1.44 7.52
HE3 DTR A 4 4.01 2.28 5.39
N LYS A 5 2.79 -0.36 2.71
CA LYS A 5 2.86 -1.80 2.41
C LYS A 5 1.48 -2.46 2.38
N THR A 6 0.43 -1.66 2.53
CA THR A 6 -0.95 -2.08 2.67
C THR A 6 -1.40 -3.02 1.55
N CYS A 7 -0.81 -2.93 0.36
CA CYS A 7 -0.93 -3.98 -0.63
C CYS A 7 0.34 -4.06 -1.47
N THR A 8 1.47 -3.66 -0.89
CA THR A 8 2.70 -3.46 -1.62
C THR A 8 3.85 -4.10 -0.84
N DPN A 1 -5.55 2.77 -4.46
CA DPN A 1 -4.32 3.40 -3.93
C DPN A 1 -3.82 2.52 -2.79
O DPN A 1 -4.65 1.86 -2.18
CB DPN A 1 -3.31 3.67 -5.05
CG DPN A 1 -2.91 2.45 -5.88
CD1 DPN A 1 -3.68 2.09 -7.00
CD2 DPN A 1 -1.77 1.70 -5.54
CE1 DPN A 1 -3.33 0.95 -7.75
CE2 DPN A 1 -1.42 0.58 -6.29
CZ DPN A 1 -2.20 0.20 -7.40
H2 DPN A 1 -6.01 3.38 -5.12
H DPN A 1 -6.16 2.56 -3.68
H3 DPN A 1 -5.30 1.89 -4.91
HA DPN A 1 -4.60 4.35 -3.50
HB2 DPN A 1 -3.74 4.40 -5.73
HB3 DPN A 1 -2.41 4.13 -4.64
HD1 DPN A 1 -4.53 2.67 -7.30
HD2 DPN A 1 -1.13 1.99 -4.72
HE1 DPN A 1 -3.92 0.67 -8.62
HE2 DPN A 1 -0.54 0.00 -6.04
HZ DPN A 1 -1.92 -0.66 -7.99
N CYS A 2 -2.52 2.52 -2.48
CA CYS A 2 -1.94 1.75 -1.39
C CYS A 2 -0.72 2.52 -0.91
N TYR A 3 -0.94 3.49 -0.02
CA TYR A 3 0.11 4.40 0.44
C TYR A 3 0.87 3.72 1.58
N DTR A 4 1.74 2.78 1.23
CA DTR A 4 2.52 2.00 2.19
CB DTR A 4 3.99 2.46 2.16
CG DTR A 4 5.00 1.49 2.69
CD1 DTR A 4 5.71 0.62 1.93
NE1 DTR A 4 6.56 -0.11 2.73
CE2 DTR A 4 6.38 0.18 4.06
CZ2 DTR A 4 6.95 -0.32 5.25
CH2 DTR A 4 6.49 0.16 6.48
CZ3 DTR A 4 5.45 1.11 6.52
CE3 DTR A 4 4.88 1.59 5.33
CD2 DTR A 4 5.36 1.17 4.06
C DTR A 4 2.37 0.54 1.83
O DTR A 4 1.80 0.21 0.79
H2 DTR A 4 1.78 2.49 0.27
HA DTR A 4 2.12 2.15 3.20
HB2 DTR A 4 4.25 2.70 1.13
HB3 DTR A 4 4.06 3.39 2.72
HD1 DTR A 4 5.62 0.51 0.86
HE1 DTR A 4 7.19 -0.81 2.34
HZ2 DTR A 4 7.73 -1.06 5.20
HH2 DTR A 4 6.94 -0.20 7.39
HZ3 DTR A 4 5.10 1.47 7.47
HE3 DTR A 4 4.07 2.30 5.34
N LYS A 5 2.80 -0.38 2.71
CA LYS A 5 2.86 -1.81 2.42
C LYS A 5 1.48 -2.46 2.39
N THR A 6 0.43 -1.65 2.53
CA THR A 6 -0.95 -2.06 2.67
C THR A 6 -1.40 -3.01 1.56
N CYS A 7 -0.80 -2.91 0.36
CA CYS A 7 -0.92 -3.98 -0.62
C CYS A 7 0.34 -4.05 -1.47
N THR A 8 1.46 -3.65 -0.88
CA THR A 8 2.72 -3.46 -1.61
C THR A 8 3.86 -4.08 -0.82
N DPN A 1 -4.75 4.50 -3.48
CA DPN A 1 -4.47 3.14 -3.97
C DPN A 1 -3.95 2.35 -2.79
O DPN A 1 -4.72 2.00 -1.90
CB DPN A 1 -5.75 2.54 -4.56
CG DPN A 1 -5.57 1.41 -5.55
CD1 DPN A 1 -5.50 0.08 -5.13
CD2 DPN A 1 -5.58 1.71 -6.94
CE1 DPN A 1 -5.44 -0.96 -6.07
CE2 DPN A 1 -5.52 0.67 -7.87
CZ DPN A 1 -5.45 -0.67 -7.44
H2 DPN A 1 -5.12 5.07 -4.23
H DPN A 1 -3.90 4.92 -3.13
H3 DPN A 1 -5.43 4.44 -2.73
HA DPN A 1 -3.71 3.19 -4.76
HB2 DPN A 1 -6.37 2.19 -3.74
HB3 DPN A 1 -6.29 3.34 -5.06
HD1 DPN A 1 -5.51 -0.16 -4.07
HD2 DPN A 1 -5.66 2.73 -7.29
HE1 DPN A 1 -5.41 -1.99 -5.74
HE2 DPN A 1 -5.55 0.89 -8.93
HZ DPN A 1 -5.43 -1.47 -8.17
N CYS A 2 -2.63 2.18 -2.69
CA CYS A 2 -1.99 1.56 -1.55
C CYS A 2 -0.82 2.44 -1.13
N TYR A 3 -1.08 3.40 -0.25
CA TYR A 3 -0.09 4.36 0.21
C TYR A 3 0.68 3.73 1.38
N DTR A 4 1.51 2.75 1.07
CA DTR A 4 2.33 2.04 2.05
CB DTR A 4 3.77 2.56 2.00
CG DTR A 4 4.83 1.68 2.60
CD1 DTR A 4 5.60 0.82 1.91
NE1 DTR A 4 6.46 0.18 2.76
CE2 DTR A 4 6.25 0.53 4.07
CZ2 DTR A 4 6.82 0.12 5.29
CH2 DTR A 4 6.31 0.65 6.49
CZ3 DTR A 4 5.22 1.55 6.46
CE3 DTR A 4 4.65 1.92 5.23
CD2 DTR A 4 5.18 1.47 4.00
C DTR A 4 2.24 0.56 1.75
O DTR A 4 1.70 0.16 0.72
H2 DTR A 4 1.49 2.39 0.11
HA DTR A 4 1.92 2.21 3.05
HB2 DTR A 4 4.04 2.74 0.96
HB3 DTR A 4 3.80 3.53 2.51
HD1 DTR A 4 5.53 0.65 0.84
HE1 DTR A 4 7.14 -0.51 2.43
HZ2 DTR A 4 7.65 -0.57 5.30
HH2 DTR A 4 6.77 0.38 7.42
HZ3 DTR A 4 4.83 1.95 7.38
HE3 DTR A 4 3.80 2.58 5.19
N LYS A 5 2.71 -0.28 2.68
CA LYS A 5 2.84 -1.72 2.47
C LYS A 5 1.49 -2.44 2.46
N THR A 6 0.40 -1.68 2.54
CA THR A 6 -0.96 -2.16 2.67
C THR A 6 -1.33 -3.17 1.58
N CYS A 7 -0.71 -3.09 0.41
CA CYS A 7 -0.76 -4.17 -0.57
C CYS A 7 0.51 -4.17 -1.40
N THR A 8 1.61 -3.72 -0.79
CA THR A 8 2.86 -3.48 -1.49
C THR A 8 4.02 -4.03 -0.66
N DPN A 1 -4.27 4.38 -3.71
CA DPN A 1 -4.66 2.98 -3.97
C DPN A 1 -3.79 1.94 -3.25
O DPN A 1 -4.11 0.77 -3.33
CB DPN A 1 -6.12 2.75 -3.59
CG DPN A 1 -6.38 2.47 -2.13
CD1 DPN A 1 -6.34 3.50 -1.17
CD2 DPN A 1 -6.65 1.15 -1.70
CE1 DPN A 1 -6.53 3.21 0.19
CE2 DPN A 1 -6.86 0.87 -0.34
CZ DPN A 1 -6.79 1.90 0.61
H2 DPN A 1 -4.92 4.99 -4.19
H DPN A 1 -3.35 4.55 -4.06
H3 DPN A 1 -4.32 4.56 -2.72
HA DPN A 1 -4.53 2.80 -5.03
HB2 DPN A 1 -6.70 3.63 -3.90
HB3 DPN A 1 -6.47 1.90 -4.18
HD1 DPN A 1 -6.17 4.53 -1.47
HD2 DPN A 1 -6.69 0.34 -2.42
HE1 DPN A 1 -6.49 4.01 0.93
HE2 DPN A 1 -7.06 -0.14 -0.03
HZ DPN A 1 -6.95 1.68 1.65
N CYS A 2 -2.74 2.38 -2.55
CA CYS A 2 -2.08 1.66 -1.46
C CYS A 2 -0.91 2.52 -0.99
N TYR A 3 -1.15 3.43 -0.03
CA TYR A 3 -0.15 4.39 0.42
C TYR A 3 0.66 3.76 1.55
N DTR A 4 1.48 2.78 1.20
CA DTR A 4 2.39 2.09 2.10
CB DTR A 4 3.78 2.74 2.00
CG DTR A 4 4.91 1.96 2.59
CD1 DTR A 4 5.90 1.37 1.88
NE1 DTR A 4 6.76 0.70 2.74
CE2 DTR A 4 6.34 0.81 4.05
CZ2 DTR A 4 6.85 0.31 5.26
CH2 DTR A 4 6.16 0.60 6.46
CZ3 DTR A 4 4.97 1.35 6.42
CE3 DTR A 4 4.47 1.83 5.19
CD2 DTR A 4 5.16 1.61 3.98
C DTR A 4 2.39 0.61 1.70
O DTR A 4 1.85 0.26 0.65
H2 DTR A 4 1.43 2.42 0.25
HA DTR A 4 2.03 2.18 3.12
HB2 DTR A 4 4.01 2.91 0.95
HB3 DTR A 4 3.74 3.71 2.49
HD1 DTR A 4 5.99 1.42 0.81
HE1 DTR A 4 7.56 0.19 2.41
HZ2 DTR A 4 7.75 -0.28 5.28
HH2 DTR A 4 6.56 0.25 7.40
HZ3 DTR A 4 4.46 1.59 7.34
HE3 DTR A 4 3.55 2.41 5.16
N LYS A 5 2.88 -0.27 2.57
CA LYS A 5 2.93 -1.72 2.33
C LYS A 5 1.55 -2.39 2.47
N THR A 6 0.47 -1.62 2.42
CA THR A 6 -0.87 -2.09 2.68
C THR A 6 -1.27 -3.17 1.67
N CYS A 7 -0.77 -3.08 0.44
CA CYS A 7 -0.87 -4.17 -0.52
C CYS A 7 0.37 -4.16 -1.40
N THR A 8 1.48 -3.71 -0.84
CA THR A 8 2.72 -3.52 -1.56
C THR A 8 3.85 -4.11 -0.73
N DPN A 1 -5.25 2.78 -4.72
CA DPN A 1 -4.15 3.45 -3.99
C DPN A 1 -3.75 2.54 -2.83
O DPN A 1 -4.64 1.90 -2.29
CB DPN A 1 -2.99 3.81 -4.94
CG DPN A 1 -2.07 4.88 -4.38
CD1 DPN A 1 -2.60 6.13 -4.01
CD2 DPN A 1 -0.70 4.63 -4.21
CE1 DPN A 1 -1.76 7.12 -3.47
CE2 DPN A 1 0.14 5.61 -3.64
CZ DPN A 1 -0.40 6.86 -3.28
H2 DPN A 1 -5.64 3.39 -5.41
H DPN A 1 -5.95 2.52 -4.04
H3 DPN A 1 -4.89 1.93 -5.15
HA DPN A 1 -4.54 4.36 -3.57
HB2 DPN A 1 -2.43 2.92 -5.19
HB3 DPN A 1 -3.42 4.21 -5.87
HD1 DPN A 1 -3.65 6.36 -4.16
HD2 DPN A 1 -0.27 3.68 -4.49
HE1 DPN A 1 -2.17 8.09 -3.20
HE2 DPN A 1 1.19 5.42 -3.51
HZ DPN A 1 0.24 7.62 -2.86
N CYS A 2 -2.48 2.47 -2.47
CA CYS A 2 -1.96 1.61 -1.43
C CYS A 2 -0.79 2.37 -0.82
N TYR A 3 -1.12 3.35 0.02
CA TYR A 3 -0.14 4.23 0.62
C TYR A 3 0.60 3.45 1.70
N DTR A 4 1.72 2.84 1.35
CA DTR A 4 2.53 2.07 2.27
CB DTR A 4 3.94 2.65 2.36
CG DTR A 4 4.70 2.18 3.56
CD1 DTR A 4 4.20 2.18 4.81
NE1 DTR A 4 5.18 1.79 5.70
CE2 DTR A 4 6.34 1.43 5.04
CZ2 DTR A 4 7.58 0.96 5.50
CH2 DTR A 4 8.59 0.69 4.56
CZ3 DTR A 4 8.36 0.92 3.19
CE3 DTR A 4 7.10 1.40 2.75
CD2 DTR A 4 6.07 1.68 3.67
C DTR A 4 2.54 0.62 1.82
O DTR A 4 2.05 0.31 0.74
H2 DTR A 4 1.95 2.75 0.37
HA DTR A 4 2.06 2.12 3.25
HB2 DTR A 4 4.49 2.41 1.46
HB3 DTR A 4 3.86 3.74 2.44
HD1 DTR A 4 3.20 2.50 5.06
HE1 DTR A 4 5.09 1.93 6.68
HZ2 DTR A 4 7.77 0.79 6.55
HH2 DTR A 4 9.56 0.34 4.88
HZ3 DTR A 4 9.13 0.73 2.47
HE3 DTR A 4 6.93 1.57 1.70
N LYS A 5 3.00 -0.30 2.68
CA LYS A 5 2.99 -1.72 2.36
C LYS A 5 1.58 -2.33 2.36
N THR A 6 0.54 -1.51 2.50
CA THR A 6 -0.84 -1.92 2.70
C THR A 6 -1.33 -2.94 1.67
N CYS A 7 -0.84 -2.86 0.43
CA CYS A 7 -1.03 -3.94 -0.54
C CYS A 7 0.21 -4.09 -1.42
N THR A 8 1.35 -3.61 -0.92
CA THR A 8 2.55 -3.44 -1.73
C THR A 8 3.71 -4.20 -1.08
N DPN A 1 -4.69 4.53 -3.35
CA DPN A 1 -4.55 3.14 -3.80
C DPN A 1 -4.00 2.34 -2.64
O DPN A 1 -4.72 2.04 -1.69
CB DPN A 1 -5.91 2.61 -4.24
CG DPN A 1 -5.92 1.37 -5.10
CD1 DPN A 1 -5.67 1.48 -6.48
CD2 DPN A 1 -6.31 0.13 -4.55
CE1 DPN A 1 -5.80 0.35 -7.31
CE2 DPN A 1 -6.44 -1.00 -5.39
CZ DPN A 1 -6.19 -0.88 -6.77
H2 DPN A 1 -5.09 5.10 -4.09
H DPN A 1 -3.79 4.91 -3.09
H3 DPN A 1 -5.30 4.56 -2.54
HA DPN A 1 -3.88 3.10 -4.64
HB2 DPN A 1 -6.50 2.42 -3.33
HB3 DPN A 1 -6.41 3.41 -4.80
HD1 DPN A 1 -5.41 2.43 -6.92
HD2 DPN A 1 -6.53 0.04 -3.50
HE1 DPN A 1 -5.62 0.44 -8.37
HE2 DPN A 1 -6.75 -1.94 -4.98
HZ DPN A 1 -6.30 -1.75 -7.41
N CYS A 2 -2.69 2.11 -2.63
CA CYS A 2 -2.01 1.42 -1.58
C CYS A 2 -0.77 2.22 -1.21
N TYR A 3 -0.98 3.31 -0.46
CA TYR A 3 0.10 4.21 -0.10
C TYR A 3 0.78 3.69 1.17
N DTR A 4 1.56 2.62 1.00
CA DTR A 4 2.31 1.99 2.08
CB DTR A 4 3.76 2.51 2.09
CG DTR A 4 4.73 1.68 2.89
CD1 DTR A 4 5.58 0.77 2.35
NE1 DTR A 4 6.32 0.18 3.34
CE2 DTR A 4 5.92 0.61 4.60
CZ2 DTR A 4 6.30 0.25 5.90
CH2 DTR A 4 5.64 0.85 6.99
CZ3 DTR A 4 4.59 1.74 6.76
CE3 DTR A 4 4.21 2.08 5.44
CD2 DTR A 4 4.89 1.56 4.33
C DTR A 4 2.25 0.49 1.89
O DTR A 4 1.82 0.01 0.84
H2 DTR A 4 1.53 2.17 0.09
HA DTR A 4 1.84 2.22 3.04
HB2 DTR A 4 4.11 2.56 1.07
HB3 DTR A 4 3.75 3.53 2.49
HD1 DTR A 4 5.65 0.54 1.29
HE1 DTR A 4 7.03 -0.51 3.15
HZ2 DTR A 4 7.10 -0.45 6.06
HH2 DTR A 4 5.94 0.60 8.00
HZ3 DTR A 4 4.08 2.20 7.60
HE3 DTR A 4 3.39 2.77 5.27
N LYS A 5 2.62 -0.29 2.90
CA LYS A 5 2.78 -1.73 2.73
C LYS A 5 1.44 -2.45 2.56
N THR A 6 0.34 -1.69 2.60
CA THR A 6 -1.02 -2.16 2.63
C THR A 6 -1.31 -3.18 1.53
N CYS A 7 -0.76 -3.00 0.33
CA CYS A 7 -0.74 -4.08 -0.64
C CYS A 7 0.53 -4.02 -1.47
N THR A 8 1.61 -3.54 -0.84
CA THR A 8 2.86 -3.29 -1.53
C THR A 8 4.02 -3.74 -0.66
N DPN A 1 -5.43 3.97 -3.42
CA DPN A 1 -4.49 2.95 -3.93
C DPN A 1 -3.81 2.35 -2.71
O DPN A 1 -4.52 2.07 -1.75
CB DPN A 1 -5.24 1.89 -4.73
CG DPN A 1 -4.52 1.41 -5.97
CD1 DPN A 1 -3.93 0.12 -6.01
CD2 DPN A 1 -4.46 2.24 -7.10
CE1 DPN A 1 -3.31 -0.33 -7.18
CE2 DPN A 1 -3.84 1.78 -8.28
CZ DPN A 1 -3.27 0.50 -8.32
H2 DPN A 1 -5.96 4.37 -4.19
H DPN A 1 -4.93 4.68 -2.92
H3 DPN A 1 -6.07 3.51 -2.78
HA DPN A 1 -3.75 3.44 -4.57
HB2 DPN A 1 -5.48 1.03 -4.09
HB3 DPN A 1 -6.20 2.30 -5.06
HD1 DPN A 1 -3.98 -0.54 -5.15
HD2 DPN A 1 -4.92 3.21 -7.10
HE1 DPN A 1 -2.88 -1.33 -7.22
HE2 DPN A 1 -3.81 2.41 -9.16
HZ DPN A 1 -2.80 0.14 -9.23
N CYS A 2 -2.48 2.21 -2.68
CA CYS A 2 -1.81 1.55 -1.57
C CYS A 2 -0.63 2.40 -1.16
N TYR A 3 -0.87 3.43 -0.35
CA TYR A 3 0.16 4.34 0.12
C TYR A 3 0.82 3.73 1.35
N DTR A 4 1.60 2.68 1.14
CA DTR A 4 2.36 2.01 2.17
CB DTR A 4 3.79 2.61 2.21
CG DTR A 4 4.80 1.82 2.97
CD1 DTR A 4 5.83 1.13 2.41
NE1 DTR A 4 6.56 0.49 3.39
CE2 DTR A 4 6.03 0.71 4.64
CZ2 DTR A 4 6.38 0.26 5.93
CH2 DTR A 4 5.60 0.66 7.03
CZ3 DTR A 4 4.48 1.49 6.83
CE3 DTR A 4 4.13 1.91 5.52
CD2 DTR A 4 4.90 1.55 4.41
C DTR A 4 2.37 0.52 1.87
O DTR A 4 2.03 0.10 0.77
H2 DTR A 4 1.60 2.25 0.21
HA DTR A 4 1.89 2.17 3.14
HB2 DTR A 4 4.14 2.72 1.18
HB3 DTR A 4 3.73 3.60 2.64
HD1 DTR A 4 6.02 1.09 1.35
HE1 DTR A 4 7.37 -0.08 3.18
HZ2 DTR A 4 7.25 -0.37 6.07
HH2 DTR A 4 5.90 0.37 8.02
HZ3 DTR A 4 3.89 1.81 7.68
HE3 DTR A 4 3.26 2.52 5.37
N LYS A 5 2.67 -0.32 2.87
CA LYS A 5 2.75 -1.77 2.69
C LYS A 5 1.39 -2.45 2.59
N THR A 6 0.32 -1.66 2.54
CA THR A 6 -1.06 -2.11 2.58
C THR A 6 -1.36 -3.14 1.48
N CYS A 7 -0.80 -2.96 0.28
CA CYS A 7 -0.82 -4.02 -0.72
C CYS A 7 0.48 -4.03 -1.51
N THR A 8 1.55 -3.56 -0.89
CA THR A 8 2.82 -3.36 -1.56
C THR A 8 3.94 -3.85 -0.64
N DPN A 1 -5.24 3.88 -3.94
CA DPN A 1 -4.24 2.83 -4.16
C DPN A 1 -3.72 2.41 -2.79
O DPN A 1 -4.45 2.61 -1.82
CB DPN A 1 -4.87 1.65 -4.93
CG DPN A 1 -5.88 0.85 -4.13
CD1 DPN A 1 -7.22 1.29 -3.97
CD2 DPN A 1 -5.48 -0.35 -3.53
CE1 DPN A 1 -8.12 0.55 -3.18
CE2 DPN A 1 -6.38 -1.09 -2.74
CZ DPN A 1 -7.70 -0.63 -2.56
H2 DPN A 1 -5.65 4.17 -4.81
H DPN A 1 -4.81 4.67 -3.48
H3 DPN A 1 -5.95 3.52 -3.31
HA DPN A 1 -3.43 3.23 -4.75
HB2 DPN A 1 -5.36 2.04 -5.83
HB3 DPN A 1 -4.07 0.99 -5.25
HD1 DPN A 1 -7.57 2.19 -4.46
HD2 DPN A 1 -4.47 -0.71 -3.66
HE1 DPN A 1 -9.14 0.89 -3.06
HE2 DPN A 1 -6.06 -2.01 -2.26
HZ DPN A 1 -8.39 -1.20 -1.96
N CYS A 2 -2.48 1.92 -2.67
CA CYS A 2 -1.97 1.52 -1.37
C CYS A 2 -0.82 2.45 -0.98
N TYR A 3 -1.06 3.42 -0.10
CA TYR A 3 -0.04 4.32 0.37
C TYR A 3 0.71 3.66 1.53
N DTR A 4 1.56 2.68 1.20
CA DTR A 4 2.43 2.00 2.13
CB DTR A 4 3.84 2.61 2.04
CG DTR A 4 4.95 1.82 2.66
CD1 DTR A 4 5.93 1.21 1.97
NE1 DTR A 4 6.77 0.54 2.84
CE2 DTR A 4 6.36 0.69 4.15
CZ2 DTR A 4 6.85 0.21 5.38
CH2 DTR A 4 6.17 0.54 6.56
CZ3 DTR A 4 4.99 1.32 6.50
CE3 DTR A 4 4.50 1.77 5.26
CD2 DTR A 4 5.19 1.50 4.06
C DTR A 4 2.41 0.51 1.79
O DTR A 4 1.87 0.14 0.76
H2 DTR A 4 1.53 2.31 0.25
HA DTR A 4 2.06 2.13 3.15
HB2 DTR A 4 4.08 2.76 0.99
HB3 DTR A 4 3.82 3.60 2.51
HD1 DTR A 4 6.03 1.22 0.89
HE1 DTR A 4 7.58 0.01 2.53
HZ2 DTR A 4 7.74 -0.38 5.40
HH2 DTR A 4 6.57 0.21 7.51
HZ3 DTR A 4 4.48 1.59 7.41
HE3 DTR A 4 3.60 2.36 5.21
N LYS A 5 2.90 -0.36 2.67
CA LYS A 5 2.92 -1.81 2.47
C LYS A 5 1.54 -2.46 2.59
N THR A 6 0.48 -1.66 2.53
CA THR A 6 -0.89 -2.06 2.69
C THR A 6 -1.29 -3.05 1.59
N CYS A 7 -0.86 -2.80 0.36
CA CYS A 7 -0.90 -3.84 -0.65
C CYS A 7 0.30 -3.72 -1.56
N THR A 8 1.44 -3.48 -0.92
CA THR A 8 2.73 -3.36 -1.58
C THR A 8 3.76 -4.06 -0.71
N DPN A 1 -5.52 2.37 -4.47
CA DPN A 1 -4.12 2.77 -4.20
C DPN A 1 -3.67 2.11 -2.90
O DPN A 1 -4.52 1.55 -2.21
CB DPN A 1 -3.20 2.48 -5.40
CG DPN A 1 -3.41 1.16 -6.13
CD1 DPN A 1 -3.24 1.14 -7.54
CD2 DPN A 1 -3.72 -0.03 -5.46
CE1 DPN A 1 -3.41 -0.06 -8.25
CE2 DPN A 1 -3.90 -1.22 -6.17
CZ DPN A 1 -3.74 -1.24 -7.57
H2 DPN A 1 -5.87 2.89 -5.27
H DPN A 1 -6.08 2.57 -3.66
H3 DPN A 1 -5.56 1.39 -4.66
HA DPN A 1 -4.09 3.84 -4.02
HB2 DPN A 1 -3.37 3.29 -6.12
HB3 DPN A 1 -2.15 2.55 -5.10
HD1 DPN A 1 -2.98 2.04 -8.07
HD2 DPN A 1 -3.84 -0.06 -4.39
HE1 DPN A 1 -3.28 -0.07 -9.33
HE2 DPN A 1 -4.13 -2.14 -5.65
HZ DPN A 1 -3.86 -2.17 -8.12
N CYS A 2 -2.39 2.19 -2.53
CA CYS A 2 -1.92 1.75 -1.23
C CYS A 2 -0.74 2.62 -0.82
N TYR A 3 -0.89 3.46 0.20
CA TYR A 3 0.16 4.37 0.63
C TYR A 3 0.96 3.73 1.75
N DTR A 4 1.78 2.73 1.38
CA DTR A 4 2.63 1.97 2.26
CB DTR A 4 4.07 2.49 2.12
CG DTR A 4 5.15 1.61 2.67
CD1 DTR A 4 6.07 0.98 1.92
NE1 DTR A 4 6.91 0.24 2.73
CE2 DTR A 4 6.55 0.36 4.05
CZ2 DTR A 4 7.06 -0.19 5.24
CH2 DTR A 4 6.44 0.12 6.46
CZ3 DTR A 4 5.30 0.95 6.49
CE3 DTR A 4 4.79 1.47 5.28
CD2 DTR A 4 5.42 1.22 4.04
C DTR A 4 2.48 0.50 1.84
O DTR A 4 1.83 0.21 0.85
H2 DTR A 4 1.72 2.39 0.42
HA DTR A 4 2.30 2.07 3.29
HB2 DTR A 4 4.27 2.67 1.07
HB3 DTR A 4 4.13 3.46 2.62
HD1 DTR A 4 6.12 1.04 0.84
HE1 DTR A 4 7.68 -0.31 2.37
HZ2 DTR A 4 7.93 -0.83 5.22
HH2 DTR A 4 6.85 -0.27 7.39
HZ3 DTR A 4 4.83 1.20 7.42
HE3 DTR A 4 3.91 2.10 5.28
N LYS A 5 2.98 -0.45 2.64
CA LYS A 5 2.92 -1.89 2.37
C LYS A 5 1.52 -2.48 2.52
N THR A 6 0.50 -1.64 2.48
CA THR A 6 -0.88 -2.00 2.71
C THR A 6 -1.43 -2.84 1.55
N CYS A 7 -0.95 -2.61 0.33
CA CYS A 7 -1.13 -3.58 -0.75
C CYS A 7 0.08 -3.51 -1.68
N THR A 8 1.24 -3.35 -1.05
CA THR A 8 2.54 -3.28 -1.69
C THR A 8 3.54 -4.01 -0.80
N DPN A 1 -5.65 3.13 -4.26
CA DPN A 1 -4.27 3.51 -3.91
C DPN A 1 -3.75 2.53 -2.87
O DPN A 1 -4.58 1.82 -2.29
CB DPN A 1 -3.38 3.61 -5.17
CG DPN A 1 -3.65 2.56 -6.22
CD1 DPN A 1 -3.38 1.20 -5.94
CD2 DPN A 1 -4.22 2.92 -7.46
CE1 DPN A 1 -3.69 0.21 -6.91
CE2 DPN A 1 -4.52 1.94 -8.42
CZ DPN A 1 -4.25 0.59 -8.14
H2 DPN A 1 -6.06 3.82 -4.87
H DPN A 1 -6.18 3.04 -3.41
H3 DPN A 1 -5.63 2.23 -4.72
HA DPN A 1 -4.28 4.49 -3.44
HB2 DPN A 1 -3.58 4.60 -5.62
HB3 DPN A 1 -2.33 3.60 -4.91
HD1 DPN A 1 -2.94 0.89 -5.01
HD2 DPN A 1 -4.42 3.96 -7.69
HE1 DPN A 1 -3.48 -0.82 -6.70
HE2 DPN A 1 -4.94 2.22 -9.37
HZ DPN A 1 -4.48 -0.17 -8.87
N CYS A 2 -2.44 2.50 -2.58
CA CYS A 2 -1.87 1.72 -1.48
C CYS A 2 -0.69 2.53 -0.97
N TYR A 3 -0.99 3.54 -0.14
CA TYR A 3 0.02 4.44 0.40
C TYR A 3 0.68 3.74 1.58
N DTR A 4 1.63 2.85 1.29
CA DTR A 4 2.30 2.06 2.31
CB DTR A 4 3.69 2.63 2.58
CG DTR A 4 4.23 2.31 3.94
CD1 DTR A 4 3.48 2.28 5.06
NE1 DTR A 4 4.28 2.08 6.16
CE2 DTR A 4 5.60 1.93 5.80
CZ2 DTR A 4 6.78 1.70 6.53
CH2 DTR A 4 8.01 1.62 5.84
CZ3 DTR A 4 8.03 1.76 4.45
CE3 DTR A 4 6.85 1.99 3.72
CD2 DTR A 4 5.60 2.07 4.38
C DTR A 4 2.33 0.61 1.88
O DTR A 4 1.76 0.27 0.83
H2 DTR A 4 1.79 2.57 0.33
HA DTR A 4 1.69 2.12 3.20
HB2 DTR A 4 4.39 2.27 1.82
HB3 DTR A 4 3.66 3.72 2.51
HD1 DTR A 4 2.41 2.45 5.10
HE1 DTR A 4 3.92 2.18 7.09
HZ2 DTR A 4 6.76 1.62 7.61
HH2 DTR A 4 8.93 1.46 6.39
HZ3 DTR A 4 8.98 1.71 3.92
HE3 DTR A 4 6.89 2.11 2.65
N LYS A 5 2.86 -0.28 2.71
CA LYS A 5 2.92 -1.71 2.39
C LYS A 5 1.55 -2.39 2.37
N THR A 6 0.47 -1.62 2.53
CA THR A 6 -0.89 -2.10 2.67
C THR A 6 -1.29 -3.13 1.62
N CYS A 7 -0.77 -3.01 0.39
CA CYS A 7 -0.92 -4.07 -0.60
C CYS A 7 0.35 -4.18 -1.45
N THR A 8 1.48 -3.78 -0.87
CA THR A 8 2.72 -3.62 -1.61
C THR A 8 3.86 -4.33 -0.88
N DPN A 1 -5.63 3.77 -3.59
CA DPN A 1 -4.29 3.38 -4.03
C DPN A 1 -3.72 2.45 -2.95
O DPN A 1 -4.53 1.85 -2.25
CB DPN A 1 -4.33 2.73 -5.41
CG DPN A 1 -3.30 3.25 -6.39
CD1 DPN A 1 -3.15 4.64 -6.58
CD2 DPN A 1 -2.54 2.36 -7.17
CE1 DPN A 1 -2.22 5.13 -7.52
CE2 DPN A 1 -1.62 2.84 -8.12
CZ DPN A 1 -1.46 4.23 -8.29
H2 DPN A 1 -6.06 4.39 -4.26
H DPN A 1 -5.59 4.21 -2.68
H3 DPN A 1 -6.19 2.92 -3.49
HA DPN A 1 -3.66 4.28 -4.07
HB2 DPN A 1 -4.23 1.64 -5.31
HB3 DPN A 1 -5.32 2.91 -5.86
HD1 DPN A 1 -3.74 5.35 -6.01
HD2 DPN A 1 -2.67 1.29 -7.06
HE1 DPN A 1 -2.10 6.19 -7.66
HE2 DPN A 1 -1.05 2.15 -8.72
HZ DPN A 1 -0.75 4.60 -9.02
N CYS A 2 -2.41 2.39 -2.74
CA CYS A 2 -1.83 1.67 -1.62
C CYS A 2 -0.69 2.53 -1.08
N TYR A 3 -1.03 3.49 -0.23
CA TYR A 3 -0.06 4.39 0.37
C TYR A 3 0.58 3.65 1.54
N DTR A 4 1.56 2.79 1.24
CA DTR A 4 2.27 2.03 2.23
CB DTR A 4 3.66 2.62 2.48
CG DTR A 4 4.25 2.27 3.81
CD1 DTR A 4 3.55 2.23 4.96
NE1 DTR A 4 4.40 1.96 6.01
CE2 DTR A 4 5.69 1.78 5.58
CZ2 DTR A 4 6.89 1.48 6.25
CH2 DTR A 4 8.08 1.37 5.51
CZ3 DTR A 4 8.06 1.56 4.12
CE3 DTR A 4 6.84 1.86 3.46
CD2 DTR A 4 5.63 1.97 4.17
C DTR A 4 2.30 0.58 1.81
O DTR A 4 1.74 0.23 0.79
H2 DTR A 4 1.73 2.54 0.27
HA DTR A 4 1.68 2.06 3.16
HB2 DTR A 4 4.33 2.30 1.68
HB3 DTR A 4 3.59 3.71 2.44
HD1 DTR A 4 2.49 2.42 5.05
HE1 DTR A 4 4.08 2.04 6.96
HZ2 DTR A 4 6.91 1.35 7.33
HH2 DTR A 4 9.01 1.15 6.01
HZ3 DTR A 4 8.97 1.48 3.55
HE3 DTR A 4 6.85 2.00 2.39
N LYS A 5 2.84 -0.30 2.65
CA LYS A 5 2.90 -1.73 2.36
C LYS A 5 1.51 -2.40 2.38
N THR A 6 0.44 -1.62 2.51
CA THR A 6 -0.93 -2.09 2.64
C THR A 6 -1.31 -3.12 1.59
N CYS A 7 -0.75 -3.03 0.38
CA CYS A 7 -0.84 -4.11 -0.59
C CYS A 7 0.43 -4.22 -1.41
N THR A 8 1.55 -3.80 -0.80
CA THR A 8 2.82 -3.63 -1.50
C THR A 8 3.95 -4.17 -0.63
N DPN A 1 -5.73 3.07 -4.16
CA DPN A 1 -4.30 3.36 -3.92
C DPN A 1 -3.80 2.47 -2.78
O DPN A 1 -4.64 1.87 -2.12
CB DPN A 1 -3.47 3.26 -5.21
CG DPN A 1 -3.77 2.11 -6.15
CD1 DPN A 1 -3.73 2.34 -7.54
CD2 DPN A 1 -4.10 0.81 -5.68
CE1 DPN A 1 -4.02 1.31 -8.45
CE2 DPN A 1 -4.40 -0.21 -6.60
CZ DPN A 1 -4.37 0.04 -7.98
H2 DPN A 1 -6.12 3.72 -4.83
H DPN A 1 -6.23 3.11 -3.29
H3 DPN A 1 -5.82 2.12 -4.52
HA DPN A 1 -4.24 4.38 -3.57
HB2 DPN A 1 -3.66 4.19 -5.75
HB3 DPN A 1 -2.41 3.25 -4.98
HD1 DPN A 1 -3.46 3.31 -7.93
HD2 DPN A 1 -4.11 0.57 -4.63
HE1 DPN A 1 -3.98 1.50 -9.51
HE2 DPN A 1 -4.66 -1.20 -6.23
HZ DPN A 1 -4.60 -0.75 -8.67
N CYS A 2 -2.49 2.41 -2.54
CA CYS A 2 -1.90 1.65 -1.45
C CYS A 2 -0.70 2.44 -0.96
N TYR A 3 -0.92 3.44 -0.12
CA TYR A 3 0.14 4.34 0.32
C TYR A 3 0.88 3.71 1.49
N DTR A 4 1.76 2.75 1.19
CA DTR A 4 2.53 2.02 2.18
CB DTR A 4 4.00 2.44 2.12
CG DTR A 4 5.00 1.46 2.67
CD1 DTR A 4 5.63 0.50 1.93
NE1 DTR A 4 6.44 -0.25 2.74
CE2 DTR A 4 6.32 0.12 4.06
CZ2 DTR A 4 6.86 -0.38 5.26
CH2 DTR A 4 6.49 0.21 6.48
CZ3 DTR A 4 5.57 1.27 6.49
CE3 DTR A 4 5.02 1.74 5.28
CD2 DTR A 4 5.40 1.20 4.05
C DTR A 4 2.33 0.54 1.89
O DTR A 4 1.74 0.18 0.88
H2 DTR A 4 1.79 2.42 0.23
HA DTR A 4 2.14 2.22 3.18
HB2 DTR A 4 4.27 2.64 1.09
HB3 DTR A 4 4.11 3.38 2.67
HD1 DTR A 4 5.47 0.34 0.88
HE1 DTR A 4 7.01 -1.01 2.39
HZ2 DTR A 4 7.56 -1.20 5.24
HH2 DTR A 4 6.91 -0.16 7.41
HZ3 DTR A 4 5.31 1.74 7.44
HE3 DTR A 4 4.30 2.55 5.26
N LYS A 5 2.73 -0.35 2.82
CA LYS A 5 2.82 -1.77 2.55
C LYS A 5 1.46 -2.44 2.42
N THR A 6 0.39 -1.65 2.54
CA THR A 6 -0.98 -2.08 2.64
C THR A 6 -1.40 -3.02 1.50
N CYS A 7 -0.80 -2.89 0.32
CA CYS A 7 -0.89 -3.95 -0.68
C CYS A 7 0.40 -3.99 -1.51
N THR A 8 1.50 -3.58 -0.88
CA THR A 8 2.78 -3.40 -1.55
C THR A 8 3.87 -4.15 -0.78
N DPN A 1 -5.39 2.46 -3.90
CA DPN A 1 -4.21 3.33 -3.93
C DPN A 1 -3.04 2.49 -3.43
O DPN A 1 -2.49 1.70 -4.17
CB DPN A 1 -3.98 3.90 -5.34
CG DPN A 1 -4.17 2.89 -6.46
CD1 DPN A 1 -3.09 2.14 -6.93
CD2 DPN A 1 -5.46 2.64 -6.96
CE1 DPN A 1 -3.29 1.13 -7.89
CE2 DPN A 1 -5.67 1.62 -7.91
CZ DPN A 1 -4.58 0.87 -8.37
H2 DPN A 1 -6.22 2.97 -4.20
H DPN A 1 -5.53 2.10 -2.96
H3 DPN A 1 -5.24 1.67 -4.51
HA DPN A 1 -4.35 4.16 -3.26
HB2 DPN A 1 -4.69 4.71 -5.49
HB3 DPN A 1 -2.97 4.33 -5.40
HD1 DPN A 1 -2.09 2.32 -6.54
HD2 DPN A 1 -6.31 3.22 -6.62
HE1 DPN A 1 -2.45 0.55 -8.24
HE2 DPN A 1 -6.67 1.42 -8.29
HZ DPN A 1 -4.73 0.08 -9.10
N CYS A 2 -2.75 2.64 -2.13
CA CYS A 2 -1.89 1.81 -1.30
C CYS A 2 -0.69 2.67 -0.94
N TYR A 3 -0.93 3.62 -0.04
CA TYR A 3 0.08 4.56 0.43
C TYR A 3 0.85 3.89 1.58
N DTR A 4 1.50 2.78 1.24
CA DTR A 4 2.40 2.04 2.11
CB DTR A 4 3.82 2.59 1.92
CG DTR A 4 4.93 1.78 2.51
CD1 DTR A 4 5.87 1.14 1.80
NE1 DTR A 4 6.73 0.49 2.67
CE2 DTR A 4 6.36 0.66 3.98
CZ2 DTR A 4 6.88 0.20 5.20
CH2 DTR A 4 6.22 0.55 6.40
CZ3 DTR A 4 5.06 1.34 6.36
CE3 DTR A 4 4.55 1.78 5.12
CD2 DTR A 4 5.19 1.48 3.91
C DTR A 4 2.29 0.57 1.73
O DTR A 4 1.67 0.23 0.71
H2 DTR A 4 1.36 2.40 0.32
HA DTR A 4 2.09 2.17 3.15
HB2 DTR A 4 4.00 2.69 0.84
HB3 DTR A 4 3.86 3.59 2.34
HD1 DTR A 4 5.94 1.13 0.73
HE1 DTR A 4 7.52 -0.06 2.35
HZ2 DTR A 4 7.77 -0.41 5.23
HH2 DTR A 4 6.64 0.23 7.35
HZ3 DTR A 4 4.57 1.63 7.28
HE3 DTR A 4 3.65 2.38 5.10
N LYS A 5 2.80 -0.33 2.58
CA LYS A 5 2.85 -1.78 2.33
C LYS A 5 1.50 -2.48 2.50
N THR A 6 0.42 -1.71 2.45
CA THR A 6 -0.93 -2.18 2.69
C THR A 6 -1.31 -3.23 1.64
N CYS A 7 -0.86 -3.04 0.39
CA CYS A 7 -1.01 -4.03 -0.66
C CYS A 7 0.25 -4.09 -1.50
N THR A 8 1.36 -3.66 -0.91
CA THR A 8 2.62 -3.43 -1.62
C THR A 8 3.76 -3.99 -0.79
#